data_9F77
#
_entry.id   9F77
#
_cell.length_a   42.683
_cell.length_b   55.023
_cell.length_c   141.157
_cell.angle_alpha   90.00
_cell.angle_beta   90.00
_cell.angle_gamma   90.00
#
_symmetry.space_group_name_H-M   'P 21 21 21'
#
loop_
_entity.id
_entity.type
_entity.pdbx_description
1 polymer 'Bromodomain adjacent to zinc finger domain protein 2A'
2 non-polymer 4-ethanoyl-~{N}-[(1~{S},2~{R})-2-[4-(hydroxymethyl)-1,2,3-triazol-1-yl]cyclohexyl]-3,5-dimethyl-1~{H}-pyrrole-2-carboxamide
3 water water
#
_entity_poly.entity_id   1
_entity_poly.type   'polypeptide(L)'
_entity_poly.pdbx_seq_one_letter_code
;SMHSDLTFCEIILMEMESHDAAWPFLEPVNPRLVSGYRRIIKNPMDFSTMRHRLSRGGYTSSEEFAADALLVFDNCQTFN
EDDSEVGKAGHIMRRFFESRWEEFYQ
;
_entity_poly.pdbx_strand_id   A,B,C
#
loop_
_chem_comp.id
_chem_comp.type
_chem_comp.name
_chem_comp.formula
A1H99 non-polymer 4-ethanoyl-~{N}-[(1~{S},2~{R})-2-[4-(hydroxymethyl)-1,2,3-triazol-1-yl]cyclohexyl]-3,5-dimethyl-1~{H}-pyrrole-2-carboxamide 'C18 H25 N5 O3'
#
# COMPACT_ATOMS: atom_id res chain seq x y z
N SER A 1 -13.25 -2.48 18.95
CA SER A 1 -13.28 -1.20 19.65
C SER A 1 -11.85 -0.68 19.79
N MET A 2 -11.69 0.61 20.09
CA MET A 2 -10.36 1.11 20.39
C MET A 2 -9.73 0.38 21.56
N HIS A 3 -10.51 0.08 22.60
CA HIS A 3 -9.96 -0.61 23.76
C HIS A 3 -9.41 -1.97 23.39
N SER A 4 -10.17 -2.76 22.62
CA SER A 4 -9.63 -4.08 22.26
C SER A 4 -8.47 -3.93 21.28
N ASP A 5 -8.54 -2.98 20.35
CA ASP A 5 -7.43 -2.75 19.43
C ASP A 5 -6.15 -2.47 20.21
N LEU A 6 -6.23 -1.59 21.21
CA LEU A 6 -5.03 -1.21 21.94
C LEU A 6 -4.58 -2.29 22.93
N THR A 7 -5.52 -3.08 23.45
CA THR A 7 -5.12 -4.22 24.26
C THR A 7 -4.28 -5.20 23.44
N PHE A 8 -4.71 -5.47 22.21
CA PHE A 8 -3.96 -6.39 21.37
C PHE A 8 -2.61 -5.80 20.96
N CYS A 9 -2.56 -4.50 20.70
CA CYS A 9 -1.29 -3.86 20.39
C CYS A 9 -0.29 -4.07 21.52
N GLU A 10 -0.74 -3.92 22.76
CA GLU A 10 0.17 -4.07 23.89
C GLU A 10 0.70 -5.49 23.99
N ILE A 11 -0.15 -6.49 23.75
CA ILE A 11 0.31 -7.87 23.76
C ILE A 11 1.34 -8.10 22.67
N ILE A 12 1.06 -7.62 21.46
CA ILE A 12 1.99 -7.81 20.35
C ILE A 12 3.31 -7.12 20.63
N LEU A 13 3.26 -5.91 21.19
CA LEU A 13 4.51 -5.21 21.50
C LEU A 13 5.32 -5.98 22.54
N MET A 14 4.66 -6.53 23.56
CA MET A 14 5.37 -7.33 24.56
CA MET A 14 5.40 -7.32 24.55
C MET A 14 6.06 -8.52 23.91
N GLU A 15 5.34 -9.23 23.03
CA GLU A 15 5.94 -10.37 22.35
C GLU A 15 7.11 -9.96 21.48
N MET A 16 7.01 -8.82 20.81
CA MET A 16 8.13 -8.34 20.00
C MET A 16 9.33 -8.00 20.88
N GLU A 17 9.10 -7.29 21.98
CA GLU A 17 10.21 -6.87 22.85
C GLU A 17 10.93 -8.07 23.42
N SER A 18 10.24 -9.20 23.57
CA SER A 18 10.83 -10.39 24.18
CA SER A 18 10.81 -10.40 24.18
C SER A 18 11.39 -11.36 23.15
N HIS A 19 11.25 -11.07 21.86
CA HIS A 19 11.67 -11.98 20.81
C HIS A 19 13.20 -12.02 20.71
N ASP A 20 13.73 -13.22 20.38
CA ASP A 20 15.18 -13.37 20.26
C ASP A 20 15.77 -12.39 19.24
N ALA A 21 15.05 -12.10 18.17
CA ALA A 21 15.55 -11.26 17.09
C ALA A 21 15.30 -9.78 17.33
N ALA A 22 14.84 -9.39 18.52
CA ALA A 22 14.49 -7.99 18.73
C ALA A 22 15.67 -7.13 19.14
N TRP A 23 16.84 -7.73 19.38
CA TRP A 23 17.98 -6.98 19.89
C TRP A 23 18.32 -5.70 19.12
N PRO A 24 18.19 -5.62 17.79
CA PRO A 24 18.54 -4.36 17.12
C PRO A 24 17.54 -3.25 17.35
N PHE A 25 16.35 -3.56 17.84
CA PHE A 25 15.21 -2.65 17.76
C PHE A 25 14.69 -2.17 19.10
N LEU A 26 15.36 -2.52 20.20
CA LEU A 26 14.83 -2.22 21.52
C LEU A 26 14.97 -0.75 21.89
N GLU A 27 15.96 -0.05 21.33
CA GLU A 27 16.23 1.32 21.67
C GLU A 27 16.57 2.08 20.41
N PRO A 28 16.32 3.39 20.36
CA PRO A 28 16.67 4.16 19.17
C PRO A 28 18.12 3.93 18.74
N VAL A 29 18.32 3.84 17.42
CA VAL A 29 19.68 3.83 16.90
C VAL A 29 20.38 5.11 17.33
N ASN A 30 21.62 4.98 17.80
CA ASN A 30 22.38 6.13 18.25
C ASN A 30 23.15 6.69 17.06
N PRO A 31 22.83 7.90 16.60
CA PRO A 31 23.47 8.42 15.38
C PRO A 31 24.98 8.62 15.53
N ARG A 32 25.48 8.85 16.75
CA ARG A 32 26.91 9.04 16.94
C ARG A 32 27.70 7.79 16.58
N LEU A 33 27.07 6.61 16.65
CA LEU A 33 27.74 5.35 16.38
C LEU A 33 27.47 4.81 14.99
N VAL A 34 26.42 5.26 14.33
CA VAL A 34 26.05 4.76 13.02
C VAL A 34 26.10 5.95 12.07
N SER A 35 27.21 6.06 11.35
CA SER A 35 27.37 7.07 10.32
C SER A 35 26.22 6.99 9.33
N GLY A 36 25.69 8.15 8.97
CA GLY A 36 24.67 8.26 7.96
C GLY A 36 23.25 8.11 8.46
N TYR A 37 23.06 7.51 9.64
CA TYR A 37 21.72 7.09 10.05
C TYR A 37 20.76 8.27 10.18
N ARG A 38 21.12 9.28 10.99
CA ARG A 38 20.23 10.43 11.17
CA ARG A 38 20.23 10.43 11.17
C ARG A 38 20.03 11.18 9.86
N ARG A 39 21.03 11.16 8.99
CA ARG A 39 20.95 11.93 7.73
C ARG A 39 20.02 11.22 6.74
N ILE A 40 20.02 9.89 6.76
CA ILE A 40 19.32 9.11 5.73
C ILE A 40 17.91 8.75 6.17
N ILE A 41 17.74 8.30 7.43
CA ILE A 41 16.48 7.76 7.91
C ILE A 41 15.68 8.91 8.51
N LYS A 42 14.66 9.36 7.78
CA LYS A 42 13.93 10.56 8.18
C LYS A 42 12.96 10.30 9.32
N ASN A 43 12.49 9.06 9.46
CA ASN A 43 11.45 8.71 10.43
C ASN A 43 11.93 7.53 11.28
N PRO A 44 12.91 7.74 12.16
CA PRO A 44 13.40 6.64 12.99
C PRO A 44 12.30 6.12 13.92
N MET A 45 12.38 4.83 14.26
CA MET A 45 11.42 4.24 15.17
C MET A 45 12.05 3.03 15.82
N ASP A 46 11.63 2.73 17.05
CA ASP A 46 12.12 1.57 17.78
C ASP A 46 11.06 1.17 18.80
N PHE A 47 11.25 0.00 19.41
CA PHE A 47 10.23 -0.54 20.31
C PHE A 47 10.09 0.27 21.60
N SER A 48 11.16 0.85 22.13
CA SER A 48 11.01 1.64 23.36
CA SER A 48 11.03 1.64 23.36
C SER A 48 10.18 2.88 23.10
N THR A 49 10.37 3.53 21.95
CA THR A 49 9.57 4.67 21.60
C THR A 49 8.11 4.27 21.43
N MET A 50 7.85 3.13 20.79
CA MET A 50 6.48 2.65 20.67
C MET A 50 5.87 2.37 22.03
N ARG A 51 6.63 1.77 22.94
CA ARG A 51 6.08 1.49 24.27
C ARG A 51 5.75 2.78 25.01
N HIS A 52 6.63 3.77 24.92
CA HIS A 52 6.35 5.07 25.54
C HIS A 52 5.03 5.64 25.03
N ARG A 53 4.87 5.71 23.72
CA ARG A 53 3.65 6.27 23.12
CA ARG A 53 3.65 6.28 23.16
CA ARG A 53 3.66 6.28 23.14
C ARG A 53 2.43 5.45 23.51
N LEU A 54 2.52 4.13 23.40
CA LEU A 54 1.36 3.28 23.70
C LEU A 54 0.93 3.43 25.15
N SER A 55 1.89 3.45 26.08
CA SER A 55 1.56 3.56 27.49
CA SER A 55 1.57 3.56 27.50
C SER A 55 0.96 4.91 27.85
N ARG A 56 1.10 5.92 27.00
CA ARG A 56 0.63 7.26 27.30
C ARG A 56 -0.49 7.73 26.38
N GLY A 57 -1.20 6.79 25.75
CA GLY A 57 -2.30 7.19 24.89
C GLY A 57 -1.90 7.78 23.58
N GLY A 58 -0.67 7.52 23.12
CA GLY A 58 -0.23 8.12 21.89
C GLY A 58 -0.86 7.52 20.65
N TYR A 59 -1.30 6.27 20.72
CA TYR A 59 -1.97 5.62 19.60
C TYR A 59 -3.47 5.64 19.85
N THR A 60 -4.20 6.26 18.94
CA THR A 60 -5.66 6.23 19.02
C THR A 60 -6.27 5.19 18.11
N SER A 61 -5.46 4.50 17.32
CA SER A 61 -5.95 3.38 16.55
C SER A 61 -4.82 2.38 16.36
N SER A 62 -5.20 1.12 16.18
CA SER A 62 -4.19 0.07 15.95
C SER A 62 -3.52 0.22 14.59
N GLU A 63 -4.20 0.83 13.62
CA GLU A 63 -3.56 1.09 12.34
C GLU A 63 -2.32 1.97 12.51
N GLU A 64 -2.39 2.98 13.38
CA GLU A 64 -1.25 3.85 13.63
CA GLU A 64 -1.23 3.84 13.59
C GLU A 64 -0.13 3.10 14.34
N PHE A 65 -0.48 2.20 15.25
CA PHE A 65 0.54 1.39 15.91
C PHE A 65 1.27 0.53 14.89
N ALA A 66 0.53 -0.12 13.99
CA ALA A 66 1.17 -0.94 12.97
C ALA A 66 2.04 -0.11 12.06
N ALA A 67 1.62 1.13 11.76
CA ALA A 67 2.45 1.99 10.93
C ALA A 67 3.81 2.22 11.57
N ASP A 68 3.85 2.40 12.90
CA ASP A 68 5.14 2.57 13.56
C ASP A 68 5.95 1.26 13.57
N ALA A 69 5.29 0.13 13.79
CA ALA A 69 6.01 -1.14 13.71
C ALA A 69 6.63 -1.34 12.33
N LEU A 70 5.85 -1.09 11.27
CA LEU A 70 6.38 -1.27 9.92
C LEU A 70 7.51 -0.30 9.63
N LEU A 71 7.49 0.90 10.22
CA LEU A 71 8.60 1.83 10.09
CA LEU A 71 8.60 1.83 10.09
C LEU A 71 9.89 1.21 10.63
N VAL A 72 9.81 0.52 11.77
CA VAL A 72 11.00 -0.12 12.31
C VAL A 72 11.60 -1.04 11.24
N PHE A 73 10.76 -1.86 10.62
CA PHE A 73 11.28 -2.86 9.70
C PHE A 73 11.63 -2.26 8.34
N ASP A 74 10.88 -1.26 7.88
CA ASP A 74 11.23 -0.59 6.63
C ASP A 74 12.55 0.17 6.75
N ASN A 75 12.76 0.88 7.87
CA ASN A 75 14.03 1.56 8.06
C ASN A 75 15.18 0.56 8.06
N CYS A 76 14.98 -0.57 8.72
CA CYS A 76 16.03 -1.57 8.77
C CYS A 76 16.37 -2.10 7.38
N GLN A 77 15.34 -2.36 6.56
CA GLN A 77 15.57 -2.86 5.22
C GLN A 77 16.23 -1.80 4.35
N THR A 78 15.89 -0.54 4.55
CA THR A 78 16.53 0.51 3.78
C THR A 78 18.02 0.56 4.06
N PHE A 79 18.39 0.50 5.33
CA PHE A 79 19.74 0.85 5.73
C PHE A 79 20.72 -0.32 5.78
N ASN A 80 20.24 -1.55 5.93
CA ASN A 80 21.11 -2.67 6.23
C ASN A 80 21.07 -3.69 5.10
N GLU A 81 22.21 -4.30 4.83
CA GLU A 81 22.25 -5.35 3.83
CA GLU A 81 22.25 -5.35 3.83
C GLU A 81 21.47 -6.57 4.31
N ASP A 82 20.88 -7.30 3.35
CA ASP A 82 20.03 -8.43 3.70
C ASP A 82 20.80 -9.52 4.43
N ASP A 83 22.10 -9.64 4.18
CA ASP A 83 22.90 -10.68 4.82
C ASP A 83 23.49 -10.25 6.15
N SER A 84 23.26 -9.02 6.59
CA SER A 84 23.86 -8.56 7.84
C SER A 84 23.05 -9.07 9.03
N GLU A 85 23.69 -9.08 10.20
CA GLU A 85 22.99 -9.53 11.40
C GLU A 85 21.75 -8.68 11.66
N VAL A 86 21.86 -7.35 11.58
CA VAL A 86 20.70 -6.50 11.79
C VAL A 86 19.66 -6.71 10.69
N GLY A 87 20.09 -6.79 9.42
CA GLY A 87 19.13 -6.98 8.35
C GLY A 87 18.38 -8.29 8.47
N LYS A 88 19.09 -9.38 8.80
CA LYS A 88 18.42 -10.66 8.98
C LYS A 88 17.40 -10.59 10.11
N ALA A 89 17.75 -9.92 11.21
CA ALA A 89 16.82 -9.81 12.33
C ALA A 89 15.59 -9.00 11.94
N GLY A 90 15.74 -7.96 11.12
CA GLY A 90 14.60 -7.19 10.66
C GLY A 90 13.62 -8.04 9.87
N HIS A 91 14.12 -8.88 8.96
CA HIS A 91 13.23 -9.75 8.20
C HIS A 91 12.50 -10.73 9.10
N ILE A 92 13.20 -11.28 10.10
CA ILE A 92 12.59 -12.22 11.04
C ILE A 92 11.48 -11.51 11.83
N MET A 93 11.77 -10.30 12.29
CA MET A 93 10.80 -9.57 13.10
C MET A 93 9.60 -9.11 12.29
N ARG A 94 9.81 -8.71 11.03
CA ARG A 94 8.67 -8.34 10.21
C ARG A 94 7.75 -9.53 10.00
N ARG A 95 8.32 -10.69 9.68
CA ARG A 95 7.48 -11.87 9.47
CA ARG A 95 7.48 -11.86 9.47
C ARG A 95 6.73 -12.24 10.75
N PHE A 96 7.40 -12.15 11.90
CA PHE A 96 6.74 -12.45 13.16
C PHE A 96 5.60 -11.47 13.43
N PHE A 97 5.86 -10.17 13.24
CA PHE A 97 4.83 -9.16 13.47
C PHE A 97 3.62 -9.41 12.57
N GLU A 98 3.86 -9.62 11.28
CA GLU A 98 2.74 -9.80 10.36
C GLU A 98 1.90 -11.01 10.74
N SER A 99 2.55 -12.10 11.16
CA SER A 99 1.82 -13.30 11.53
C SER A 99 1.00 -13.09 12.79
N ARG A 100 1.57 -12.44 13.80
CA ARG A 100 0.82 -12.20 15.02
C ARG A 100 -0.29 -11.19 14.80
N TRP A 101 -0.04 -10.18 13.96
CA TRP A 101 -1.08 -9.18 13.67
C TRP A 101 -2.31 -9.84 13.08
N GLU A 102 -2.13 -10.73 12.11
CA GLU A 102 -3.30 -11.36 11.50
C GLU A 102 -4.04 -12.26 12.47
N GLU A 103 -3.33 -12.88 13.42
CA GLU A 103 -3.99 -13.72 14.41
C GLU A 103 -4.93 -12.83 15.22
N PHE A 104 -4.41 -11.74 15.81
CA PHE A 104 -5.25 -10.91 16.66
C PHE A 104 -6.37 -10.15 15.98
N TYR A 105 -6.14 -9.67 14.76
CA TYR A 105 -7.06 -8.73 14.12
C TYR A 105 -7.87 -9.35 13.00
N GLN A 106 -7.46 -10.48 12.46
CA GLN A 106 -8.25 -11.15 11.44
C GLN A 106 -8.32 -12.63 11.73
N ASP B 5 -5.13 -13.35 -13.81
CA ASP B 5 -4.44 -12.29 -13.07
C ASP B 5 -5.32 -11.82 -11.90
N LEU B 6 -6.62 -11.73 -12.16
CA LEU B 6 -7.59 -11.23 -11.20
C LEU B 6 -8.25 -12.34 -10.39
N THR B 7 -7.71 -13.55 -10.44
CA THR B 7 -8.30 -14.69 -9.73
C THR B 7 -8.50 -14.36 -8.25
N PHE B 8 -7.47 -13.82 -7.62
CA PHE B 8 -7.56 -13.58 -6.18
C PHE B 8 -8.47 -12.39 -5.86
N CYS B 9 -8.68 -11.48 -6.81
CA CYS B 9 -9.69 -10.45 -6.65
C CYS B 9 -11.10 -11.05 -6.54
N GLU B 10 -11.42 -12.04 -7.37
CA GLU B 10 -12.71 -12.72 -7.24
C GLU B 10 -12.84 -13.37 -5.87
N ILE B 11 -11.76 -13.97 -5.39
CA ILE B 11 -11.78 -14.59 -4.06
C ILE B 11 -11.98 -13.54 -2.98
N ILE B 12 -11.22 -12.44 -3.04
CA ILE B 12 -11.38 -11.39 -2.03
C ILE B 12 -12.81 -10.87 -2.04
N LEU B 13 -13.39 -10.71 -3.23
CA LEU B 13 -14.75 -10.17 -3.31
C LEU B 13 -15.76 -11.14 -2.69
N MET B 14 -15.59 -12.44 -2.95
CA MET B 14 -16.46 -13.43 -2.32
C MET B 14 -16.36 -13.37 -0.81
N GLU B 15 -15.13 -13.27 -0.29
CA GLU B 15 -14.93 -13.18 1.16
C GLU B 15 -15.56 -11.92 1.73
N MET B 16 -15.42 -10.79 1.02
CA MET B 16 -16.03 -9.56 1.51
C MET B 16 -17.55 -9.68 1.52
N GLU B 17 -18.13 -10.25 0.47
CA GLU B 17 -19.58 -10.31 0.39
C GLU B 17 -20.19 -11.20 1.47
N SER B 18 -19.43 -12.18 1.96
CA SER B 18 -19.97 -13.07 2.99
C SER B 18 -19.62 -12.62 4.41
N HIS B 19 -18.91 -11.51 4.56
CA HIS B 19 -18.55 -11.00 5.88
C HIS B 19 -19.78 -10.44 6.60
N ASP B 20 -19.80 -10.60 7.93
CA ASP B 20 -20.94 -10.14 8.71
C ASP B 20 -21.16 -8.63 8.57
N ALA B 21 -20.10 -7.87 8.31
CA ALA B 21 -20.20 -6.42 8.20
C ALA B 21 -20.44 -5.92 6.77
N ALA B 22 -20.72 -6.84 5.83
CA ALA B 22 -20.83 -6.47 4.42
C ALA B 22 -22.18 -5.90 4.03
N TRP B 23 -23.22 -6.10 4.86
CA TRP B 23 -24.58 -5.76 4.45
C TRP B 23 -24.77 -4.35 3.89
N PRO B 24 -24.07 -3.31 4.37
CA PRO B 24 -24.32 -1.97 3.78
C PRO B 24 -23.77 -1.81 2.39
N PHE B 25 -22.93 -2.73 1.93
CA PHE B 25 -22.09 -2.56 0.74
C PHE B 25 -22.41 -3.56 -0.35
N LEU B 26 -23.39 -4.44 -0.15
CA LEU B 26 -23.67 -5.48 -1.14
C LEU B 26 -24.26 -4.89 -2.41
N GLU B 27 -25.10 -3.87 -2.30
CA GLU B 27 -25.84 -3.31 -3.41
C GLU B 27 -25.66 -1.80 -3.42
N PRO B 28 -25.93 -1.14 -4.55
CA PRO B 28 -25.72 0.31 -4.61
C PRO B 28 -26.71 1.10 -3.75
N VAL B 29 -26.17 2.05 -2.98
CA VAL B 29 -27.01 2.99 -2.25
C VAL B 29 -28.11 3.54 -3.14
N ASN B 30 -29.35 3.53 -2.62
CA ASN B 30 -30.45 4.17 -3.32
C ASN B 30 -30.46 5.63 -2.92
N PRO B 31 -30.07 6.56 -3.80
CA PRO B 31 -30.00 7.97 -3.39
C PRO B 31 -31.36 8.58 -3.08
N ARG B 32 -32.45 7.99 -3.57
CA ARG B 32 -33.76 8.51 -3.19
C ARG B 32 -34.11 8.19 -1.74
N LEU B 33 -33.49 7.17 -1.14
CA LEU B 33 -33.69 6.88 0.27
C LEU B 33 -32.68 7.57 1.18
N VAL B 34 -31.63 8.19 0.64
CA VAL B 34 -30.54 8.72 1.44
C VAL B 34 -30.33 10.19 1.09
N SER B 35 -30.84 11.09 1.93
CA SER B 35 -30.71 12.52 1.70
C SER B 35 -29.23 12.92 1.68
N GLY B 36 -28.86 13.74 0.69
CA GLY B 36 -27.51 14.26 0.53
C GLY B 36 -26.55 13.36 -0.21
N TYR B 37 -26.94 12.12 -0.56
CA TYR B 37 -25.97 11.17 -1.09
C TYR B 37 -25.36 11.65 -2.40
N ARG B 38 -26.20 12.08 -3.35
CA ARG B 38 -25.67 12.54 -4.64
C ARG B 38 -24.84 13.82 -4.50
N ARG B 39 -25.18 14.67 -3.54
CA ARG B 39 -24.43 15.91 -3.35
C ARG B 39 -23.01 15.62 -2.88
N ILE B 40 -22.83 14.60 -2.06
CA ILE B 40 -21.56 14.33 -1.41
C ILE B 40 -20.74 13.29 -2.16
N ILE B 41 -21.39 12.22 -2.61
CA ILE B 41 -20.69 11.07 -3.19
C ILE B 41 -20.85 11.13 -4.71
N LYS B 42 -19.79 11.57 -5.40
CA LYS B 42 -19.85 11.68 -6.86
C LYS B 42 -19.55 10.38 -7.58
N ASN B 43 -18.85 9.44 -6.93
CA ASN B 43 -18.44 8.18 -7.55
C ASN B 43 -18.88 7.03 -6.66
N PRO B 44 -20.17 6.69 -6.68
CA PRO B 44 -20.65 5.60 -5.82
C PRO B 44 -20.07 4.28 -6.27
N MET B 45 -19.95 3.36 -5.31
CA MET B 45 -19.41 2.05 -5.60
C MET B 45 -19.92 1.06 -4.56
N ASP B 46 -20.09 -0.19 -4.97
CA ASP B 46 -20.56 -1.24 -4.07
C ASP B 46 -20.08 -2.58 -4.61
N PHE B 47 -20.28 -3.62 -3.80
CA PHE B 47 -19.74 -4.93 -4.17
C PHE B 47 -20.41 -5.55 -5.39
N SER B 48 -21.72 -5.34 -5.57
CA SER B 48 -22.38 -5.88 -6.76
C SER B 48 -21.83 -5.25 -8.04
N THR B 49 -21.58 -3.94 -8.01
CA THR B 49 -21.01 -3.27 -9.17
C THR B 49 -19.63 -3.80 -9.49
N MET B 50 -18.83 -4.06 -8.45
CA MET B 50 -17.52 -4.66 -8.65
C MET B 50 -17.63 -6.06 -9.23
N ARG B 51 -18.57 -6.85 -8.73
CA ARG B 51 -18.80 -8.19 -9.27
CA ARG B 51 -18.76 -8.19 -9.27
C ARG B 51 -19.12 -8.13 -10.75
N HIS B 52 -19.96 -7.17 -11.15
CA HIS B 52 -20.35 -7.09 -12.56
C HIS B 52 -19.18 -6.69 -13.43
N ARG B 53 -18.36 -5.75 -12.97
CA ARG B 53 -17.17 -5.36 -13.74
C ARG B 53 -16.18 -6.53 -13.84
N LEU B 54 -16.00 -7.26 -12.73
CA LEU B 54 -15.09 -8.41 -12.73
C LEU B 54 -15.56 -9.49 -13.70
N SER B 55 -16.86 -9.80 -13.69
CA SER B 55 -17.39 -10.87 -14.53
C SER B 55 -17.35 -10.52 -16.00
N ARG B 56 -17.33 -9.23 -16.35
CA ARG B 56 -17.27 -8.82 -17.75
C ARG B 56 -15.85 -8.52 -18.22
N GLY B 57 -14.85 -8.74 -17.37
CA GLY B 57 -13.47 -8.46 -17.74
C GLY B 57 -13.12 -7.00 -17.76
N GLY B 58 -13.82 -6.17 -16.98
CA GLY B 58 -13.64 -4.72 -17.00
C GLY B 58 -12.50 -4.19 -16.16
N TYR B 59 -11.83 -5.04 -15.38
CA TYR B 59 -10.66 -4.63 -14.61
C TYR B 59 -9.42 -5.05 -15.38
N THR B 60 -8.55 -4.09 -15.69
CA THR B 60 -7.31 -4.39 -16.39
C THR B 60 -6.15 -4.68 -15.44
N SER B 61 -6.36 -4.54 -14.13
CA SER B 61 -5.31 -4.79 -13.15
C SER B 61 -5.96 -5.01 -11.80
N SER B 62 -5.24 -5.73 -10.94
CA SER B 62 -5.69 -5.87 -9.56
C SER B 62 -5.72 -4.53 -8.84
N GLU B 63 -4.84 -3.59 -9.21
CA GLU B 63 -4.90 -2.27 -8.56
C GLU B 63 -6.19 -1.55 -8.88
N GLU B 64 -6.74 -1.78 -10.08
CA GLU B 64 -8.02 -1.14 -10.48
C GLU B 64 -9.12 -1.70 -9.56
N PHE B 65 -9.07 -3.01 -9.31
CA PHE B 65 -10.04 -3.64 -8.41
C PHE B 65 -9.91 -3.07 -7.01
N ALA B 66 -8.67 -2.99 -6.49
CA ALA B 66 -8.46 -2.45 -5.16
C ALA B 66 -8.93 -1.01 -5.05
N ALA B 67 -8.75 -0.23 -6.12
CA ALA B 67 -9.22 1.15 -6.08
C ALA B 67 -10.72 1.22 -5.91
N ASP B 68 -11.46 0.31 -6.55
CA ASP B 68 -12.91 0.28 -6.36
C ASP B 68 -13.28 -0.14 -4.95
N ALA B 69 -12.59 -1.15 -4.39
CA ALA B 69 -12.89 -1.54 -3.02
C ALA B 69 -12.64 -0.37 -2.06
N LEU B 70 -11.51 0.31 -2.22
CA LEU B 70 -11.22 1.44 -1.35
C LEU B 70 -12.20 2.59 -1.57
N LEU B 71 -12.74 2.73 -2.78
CA LEU B 71 -13.77 3.74 -3.03
C LEU B 71 -15.01 3.45 -2.22
N VAL B 72 -15.41 2.19 -2.10
CA VAL B 72 -16.55 1.85 -1.24
C VAL B 72 -16.33 2.41 0.17
N PHE B 73 -15.16 2.15 0.73
CA PHE B 73 -14.92 2.49 2.12
C PHE B 73 -14.64 3.99 2.30
N ASP B 74 -14.01 4.61 1.31
CA ASP B 74 -13.81 6.05 1.33
C ASP B 74 -15.13 6.80 1.25
N ASN B 75 -16.03 6.38 0.36
CA ASN B 75 -17.35 7.00 0.32
C ASN B 75 -18.05 6.86 1.66
N CYS B 76 -17.98 5.67 2.26
CA CYS B 76 -18.67 5.41 3.52
C CYS B 76 -18.14 6.32 4.63
N GLN B 77 -16.82 6.48 4.72
CA GLN B 77 -16.27 7.31 5.79
CA GLN B 77 -16.20 7.31 5.75
C GLN B 77 -16.48 8.80 5.53
N THR B 78 -16.62 9.21 4.28
CA THR B 78 -16.90 10.62 3.99
C THR B 78 -18.33 10.97 4.38
N PHE B 79 -19.27 10.07 4.11
CA PHE B 79 -20.69 10.38 4.27
C PHE B 79 -21.22 10.12 5.67
N ASN B 80 -20.72 9.08 6.34
CA ASN B 80 -21.32 8.57 7.58
C ASN B 80 -20.43 8.87 8.77
N GLU B 81 -21.05 9.15 9.91
CA GLU B 81 -20.32 9.29 11.17
C GLU B 81 -19.63 7.98 11.52
N ASP B 82 -18.44 8.09 12.12
CA ASP B 82 -17.67 6.89 12.45
C ASP B 82 -18.39 5.99 13.44
N ASP B 83 -19.28 6.56 14.26
CA ASP B 83 -20.03 5.84 15.27
C ASP B 83 -21.35 5.30 14.78
N SER B 84 -21.76 5.64 13.56
CA SER B 84 -23.01 5.14 13.02
C SER B 84 -22.86 3.66 12.67
N GLU B 85 -23.99 2.97 12.51
CA GLU B 85 -23.94 1.55 12.16
C GLU B 85 -23.18 1.34 10.85
N VAL B 86 -23.51 2.13 9.83
CA VAL B 86 -22.84 1.95 8.54
C VAL B 86 -21.40 2.40 8.62
N GLY B 87 -21.13 3.49 9.34
CA GLY B 87 -19.76 3.95 9.47
C GLY B 87 -18.87 2.92 10.13
N LYS B 88 -19.36 2.28 11.20
CA LYS B 88 -18.59 1.24 11.86
C LYS B 88 -18.34 0.07 10.93
N ALA B 89 -19.38 -0.32 10.17
CA ALA B 89 -19.23 -1.43 9.23
C ALA B 89 -18.17 -1.12 8.17
N GLY B 90 -18.13 0.13 7.70
CA GLY B 90 -17.13 0.49 6.70
C GLY B 90 -15.71 0.34 7.22
N HIS B 91 -15.46 0.79 8.46
CA HIS B 91 -14.12 0.64 9.02
C HIS B 91 -13.74 -0.83 9.20
N ILE B 92 -14.69 -1.66 9.63
CA ILE B 92 -14.43 -3.10 9.74
C ILE B 92 -14.11 -3.69 8.39
N MET B 93 -14.89 -3.34 7.37
CA MET B 93 -14.68 -3.92 6.05
C MET B 93 -13.37 -3.45 5.44
N ARG B 94 -13.00 -2.19 5.65
CA ARG B 94 -11.72 -1.73 5.13
C ARG B 94 -10.57 -2.53 5.73
N ARG B 95 -10.60 -2.73 7.06
CA ARG B 95 -9.53 -3.48 7.71
C ARG B 95 -9.47 -4.90 7.17
N PHE B 96 -10.64 -5.52 6.97
CA PHE B 96 -10.69 -6.88 6.43
C PHE B 96 -10.15 -6.92 5.01
N PHE B 97 -10.59 -5.99 4.16
CA PHE B 97 -10.09 -5.93 2.79
C PHE B 97 -8.57 -5.80 2.76
N GLU B 98 -8.02 -4.89 3.56
CA GLU B 98 -6.58 -4.68 3.57
C GLU B 98 -5.85 -5.95 3.98
N SER B 99 -6.42 -6.69 4.92
CA SER B 99 -5.82 -7.95 5.36
C SER B 99 -5.82 -8.97 4.24
N ARG B 100 -6.94 -9.12 3.54
CA ARG B 100 -7.00 -10.11 2.46
C ARG B 100 -6.16 -9.67 1.27
N TRP B 101 -6.08 -8.37 0.99
CA TRP B 101 -5.23 -7.89 -0.07
C TRP B 101 -3.77 -8.24 0.20
N GLU B 102 -3.31 -8.01 1.43
CA GLU B 102 -1.92 -8.30 1.77
C GLU B 102 -1.65 -9.81 1.74
N GLU B 103 -2.67 -10.62 2.00
CA GLU B 103 -2.50 -12.07 1.94
C GLU B 103 -2.22 -12.53 0.51
N PHE B 104 -2.93 -11.98 -0.47
CA PHE B 104 -2.83 -12.45 -1.84
C PHE B 104 -1.94 -11.60 -2.73
N TYR B 105 -1.73 -10.33 -2.39
CA TYR B 105 -0.96 -9.42 -3.24
C TYR B 105 0.13 -8.70 -2.46
N SER C 4 5.52 13.17 2.06
CA SER C 4 6.76 13.90 2.32
C SER C 4 7.83 13.47 1.33
N ASP C 5 8.35 12.25 1.53
CA ASP C 5 9.31 11.67 0.60
C ASP C 5 8.68 11.28 -0.73
N LEU C 6 7.35 11.27 -0.81
CA LEU C 6 6.64 10.93 -2.04
C LEU C 6 6.00 12.13 -2.72
N THR C 7 6.12 13.33 -2.14
CA THR C 7 5.55 14.52 -2.78
C THR C 7 6.16 14.74 -4.14
N PHE C 8 7.50 14.66 -4.25
CA PHE C 8 8.15 14.82 -5.54
C PHE C 8 7.80 13.68 -6.49
N CYS C 9 7.53 12.49 -5.96
CA CYS C 9 7.13 11.38 -6.84
C CYS C 9 5.80 11.65 -7.50
N GLU C 10 4.87 12.27 -6.78
CA GLU C 10 3.59 12.64 -7.38
C GLU C 10 3.79 13.65 -8.48
N ILE C 11 4.72 14.61 -8.29
CA ILE C 11 5.03 15.58 -9.33
C ILE C 11 5.63 14.90 -10.54
N ILE C 12 6.60 14.00 -10.31
CA ILE C 12 7.22 13.28 -11.43
C ILE C 12 6.17 12.45 -12.17
N LEU C 13 5.28 11.80 -11.43
CA LEU C 13 4.27 10.97 -12.09
C LEU C 13 3.35 11.81 -12.95
N MET C 14 2.94 12.98 -12.47
CA MET C 14 2.12 13.87 -13.27
C MET C 14 2.86 14.36 -14.51
N GLU C 15 4.15 14.69 -14.37
CA GLU C 15 4.94 15.10 -15.54
C GLU C 15 5.02 13.97 -16.56
N MET C 16 5.20 12.73 -16.10
CA MET C 16 5.29 11.61 -17.02
C MET C 16 3.95 11.35 -17.71
N GLU C 17 2.85 11.39 -16.94
CA GLU C 17 1.53 11.18 -17.52
C GLU C 17 1.19 12.18 -18.62
N SER C 18 1.71 13.40 -18.52
CA SER C 18 1.42 14.44 -19.50
C SER C 18 2.48 14.57 -20.58
N HIS C 19 3.48 13.69 -20.59
CA HIS C 19 4.55 13.78 -21.56
C HIS C 19 4.08 13.33 -22.94
N ASP C 20 4.60 13.97 -23.98
CA ASP C 20 4.24 13.60 -25.34
C ASP C 20 4.52 12.14 -25.65
N ALA C 21 5.59 11.58 -25.09
CA ALA C 21 5.99 10.20 -25.36
C ALA C 21 5.38 9.20 -24.38
N ALA C 22 4.44 9.62 -23.55
CA ALA C 22 3.89 8.73 -22.54
C ALA C 22 2.81 7.80 -23.06
N TRP C 23 2.32 8.02 -24.28
CA TRP C 23 1.14 7.32 -24.77
C TRP C 23 1.21 5.80 -24.68
N PRO C 24 2.36 5.12 -24.87
CA PRO C 24 2.33 3.66 -24.71
C PRO C 24 2.16 3.20 -23.28
N PHE C 25 2.36 4.07 -22.29
CA PHE C 25 2.55 3.67 -20.90
C PHE C 25 1.43 4.11 -19.98
N LEU C 26 0.37 4.70 -20.52
CA LEU C 26 -0.68 5.25 -19.66
C LEU C 26 -1.57 4.17 -19.05
N GLU C 27 -1.82 3.09 -19.76
CA GLU C 27 -2.66 1.99 -19.31
C GLU C 27 -1.93 0.68 -19.50
N PRO C 28 -2.33 -0.40 -18.83
CA PRO C 28 -1.70 -1.69 -19.05
C PRO C 28 -1.84 -2.11 -20.51
N VAL C 29 -0.80 -2.78 -21.01
CA VAL C 29 -0.87 -3.36 -22.34
C VAL C 29 -2.03 -4.32 -22.38
N ASN C 30 -2.84 -4.23 -23.43
CA ASN C 30 -3.97 -5.13 -23.59
C ASN C 30 -3.47 -6.47 -24.11
N PRO C 31 -3.55 -7.55 -23.31
CA PRO C 31 -3.00 -8.83 -23.77
C PRO C 31 -3.69 -9.39 -25.01
N ARG C 32 -4.91 -8.97 -25.30
CA ARG C 32 -5.60 -9.41 -26.51
C ARG C 32 -5.07 -8.73 -27.75
N LEU C 33 -4.42 -7.58 -27.62
CA LEU C 33 -3.86 -6.89 -28.76
C LEU C 33 -2.40 -7.24 -29.02
N VAL C 34 -1.69 -7.75 -28.01
CA VAL C 34 -0.25 -8.00 -28.13
C VAL C 34 -0.03 -9.45 -27.71
N SER C 35 0.01 -10.34 -28.69
CA SER C 35 0.21 -11.75 -28.37
C SER C 35 1.59 -11.94 -27.75
N GLY C 36 1.65 -12.81 -26.75
CA GLY C 36 2.88 -13.08 -26.06
C GLY C 36 3.12 -12.20 -24.85
N TYR C 37 2.48 -11.02 -24.78
CA TYR C 37 2.92 -10.03 -23.80
C TYR C 37 2.76 -10.54 -22.37
N ARG C 38 1.56 -11.04 -22.04
CA ARG C 38 1.28 -11.49 -20.67
C ARG C 38 2.10 -12.72 -20.31
N ARG C 39 2.42 -13.54 -21.29
CA ARG C 39 3.18 -14.73 -20.98
C ARG C 39 4.66 -14.43 -20.77
N ILE C 40 5.19 -13.45 -21.49
CA ILE C 40 6.62 -13.15 -21.49
C ILE C 40 6.99 -12.15 -20.40
N ILE C 41 6.23 -11.08 -20.26
CA ILE C 41 6.55 -10.01 -19.32
C ILE C 41 5.95 -10.40 -17.98
N LYS C 42 6.81 -10.77 -17.04
CA LYS C 42 6.35 -11.36 -15.79
C LYS C 42 5.76 -10.32 -14.84
N ASN C 43 6.25 -9.08 -14.88
CA ASN C 43 5.82 -8.03 -13.96
C ASN C 43 5.43 -6.80 -14.77
N PRO C 44 4.27 -6.82 -15.41
CA PRO C 44 3.82 -5.65 -16.17
C PRO C 44 3.64 -4.43 -15.28
N MET C 45 3.83 -3.25 -15.85
CA MET C 45 3.67 -2.02 -15.09
C MET C 45 3.35 -0.90 -16.05
N ASP C 46 2.61 0.08 -15.55
CA ASP C 46 2.19 1.22 -16.37
C ASP C 46 1.88 2.37 -15.42
N PHE C 47 1.72 3.55 -16.01
CA PHE C 47 1.53 4.74 -15.18
C PHE C 47 0.21 4.74 -14.42
N SER C 48 -0.87 4.19 -14.99
CA SER C 48 -2.13 4.14 -14.25
C SER C 48 -2.03 3.26 -13.04
N THR C 49 -1.39 2.08 -13.18
CA THR C 49 -1.17 1.22 -12.04
C THR C 49 -0.34 1.93 -10.98
N MET C 50 0.69 2.66 -11.39
CA MET C 50 1.50 3.44 -10.45
C MET C 50 0.69 4.50 -9.73
N ARG C 51 -0.20 5.18 -10.47
CA ARG C 51 -1.04 6.19 -9.84
C ARG C 51 -1.97 5.57 -8.80
N HIS C 52 -2.56 4.41 -9.12
CA HIS C 52 -3.40 3.71 -8.15
C HIS C 52 -2.60 3.38 -6.89
N ARG C 53 -1.41 2.80 -7.08
CA ARG C 53 -0.60 2.42 -5.92
CA ARG C 53 -0.58 2.41 -5.93
C ARG C 53 -0.22 3.63 -5.09
N LEU C 54 0.15 4.73 -5.73
CA LEU C 54 0.49 5.95 -5.00
C LEU C 54 -0.72 6.48 -4.23
N SER C 55 -1.89 6.49 -4.87
CA SER C 55 -3.09 7.07 -4.26
C SER C 55 -3.51 6.31 -3.02
N ARG C 56 -3.23 5.02 -2.93
CA ARG C 56 -3.59 4.25 -1.74
C ARG C 56 -2.47 4.16 -0.72
N GLY C 57 -1.41 4.95 -0.88
CA GLY C 57 -0.29 4.89 0.03
C GLY C 57 0.51 3.62 -0.06
N GLY C 58 0.54 2.99 -1.25
CA GLY C 58 1.20 1.73 -1.44
C GLY C 58 2.69 1.77 -1.70
N TYR C 59 3.30 2.95 -1.72
CA TYR C 59 4.75 3.09 -1.81
C TYR C 59 5.25 3.53 -0.44
N THR C 60 6.17 2.76 0.13
CA THR C 60 6.75 3.12 1.42
C THR C 60 7.88 4.13 1.27
N SER C 61 8.39 4.33 0.07
CA SER C 61 9.52 5.22 -0.14
C SER C 61 9.58 5.61 -1.61
N SER C 62 10.30 6.71 -1.87
CA SER C 62 10.51 7.13 -3.25
C SER C 62 11.23 6.05 -4.07
N GLU C 63 12.09 5.27 -3.42
CA GLU C 63 12.82 4.22 -4.15
C GLU C 63 11.90 3.13 -4.67
N GLU C 64 10.84 2.79 -3.94
CA GLU C 64 9.86 1.83 -4.44
C GLU C 64 9.12 2.39 -5.65
N PHE C 65 8.80 3.68 -5.61
CA PHE C 65 8.19 4.34 -6.76
C PHE C 65 9.12 4.28 -7.96
N ALA C 66 10.40 4.63 -7.76
CA ALA C 66 11.35 4.62 -8.87
C ALA C 66 11.50 3.22 -9.45
N ALA C 67 11.45 2.18 -8.61
CA ALA C 67 11.56 0.83 -9.12
C ALA C 67 10.41 0.51 -10.08
N ASP C 68 9.19 0.96 -9.76
CA ASP C 68 8.08 0.74 -10.67
C ASP C 68 8.25 1.53 -11.96
N ALA C 69 8.74 2.78 -11.89
CA ALA C 69 8.97 3.53 -13.11
C ALA C 69 9.97 2.81 -14.01
N LEU C 70 11.09 2.37 -13.44
CA LEU C 70 12.10 1.71 -14.24
C LEU C 70 11.59 0.39 -14.80
N LEU C 71 10.68 -0.27 -14.08
CA LEU C 71 10.06 -1.49 -14.59
C LEU C 71 9.27 -1.22 -15.86
N VAL C 72 8.55 -0.11 -15.92
CA VAL C 72 7.87 0.28 -17.16
C VAL C 72 8.87 0.29 -18.32
N PHE C 73 9.99 0.98 -18.13
CA PHE C 73 10.94 1.13 -19.24
C PHE C 73 11.73 -0.13 -19.51
N ASP C 74 12.03 -0.91 -18.47
CA ASP C 74 12.71 -2.18 -18.68
C ASP C 74 11.82 -3.15 -19.45
N ASN C 75 10.55 -3.26 -19.07
CA ASN C 75 9.65 -4.12 -19.85
C ASN C 75 9.59 -3.69 -21.30
N CYS C 76 9.53 -2.38 -21.54
CA CYS C 76 9.45 -1.88 -22.91
C CYS C 76 10.71 -2.26 -23.70
N GLN C 77 11.89 -2.06 -23.10
CA GLN C 77 13.13 -2.41 -23.79
C GLN C 77 13.25 -3.90 -24.02
N THR C 78 12.72 -4.72 -23.11
CA THR C 78 12.76 -6.17 -23.29
C THR C 78 11.92 -6.60 -24.48
N PHE C 79 10.74 -6.04 -24.65
CA PHE C 79 9.76 -6.57 -25.59
C PHE C 79 9.81 -5.90 -26.96
N ASN C 80 10.25 -4.65 -27.04
CA ASN C 80 10.09 -3.87 -28.27
C ASN C 80 11.43 -3.58 -28.92
N GLU C 81 11.42 -3.57 -30.26
CA GLU C 81 12.61 -3.19 -31.02
C GLU C 81 12.94 -1.72 -30.79
N ASP C 82 14.24 -1.40 -30.87
CA ASP C 82 14.65 -0.02 -30.66
C ASP C 82 14.11 0.91 -31.74
N ASP C 83 13.82 0.38 -32.92
CA ASP C 83 13.31 1.14 -34.05
C ASP C 83 11.80 1.23 -34.07
N SER C 84 11.12 0.60 -33.11
CA SER C 84 9.67 0.67 -33.07
C SER C 84 9.21 1.97 -32.41
N GLU C 85 7.96 2.36 -32.69
CA GLU C 85 7.42 3.55 -32.07
C GLU C 85 7.40 3.43 -30.54
N VAL C 86 6.94 2.29 -30.03
CA VAL C 86 6.91 2.10 -28.59
C VAL C 86 8.32 2.06 -28.02
N GLY C 87 9.24 1.36 -28.70
CA GLY C 87 10.60 1.29 -28.20
C GLY C 87 11.27 2.64 -28.14
N LYS C 88 11.07 3.47 -29.15
CA LYS C 88 11.61 4.83 -29.12
C LYS C 88 11.01 5.62 -27.97
N ALA C 89 9.71 5.48 -27.74
CA ALA C 89 9.06 6.21 -26.66
C ALA C 89 9.62 5.78 -25.31
N GLY C 90 9.85 4.47 -25.12
CA GLY C 90 10.43 4.00 -23.88
C GLY C 90 11.78 4.63 -23.60
N HIS C 91 12.63 4.73 -24.62
CA HIS C 91 13.93 5.37 -24.40
C HIS C 91 13.78 6.85 -24.04
N ILE C 92 12.85 7.55 -24.70
CA ILE C 92 12.62 8.96 -24.37
C ILE C 92 12.14 9.10 -22.94
N MET C 93 11.17 8.27 -22.54
CA MET C 93 10.61 8.39 -21.20
C MET C 93 11.61 8.02 -20.12
N ARG C 94 12.45 7.01 -20.37
CA ARG C 94 13.49 6.69 -19.40
C ARG C 94 14.44 7.88 -19.21
N ARG C 95 14.91 8.46 -20.30
CA ARG C 95 15.78 9.63 -20.20
C ARG C 95 15.09 10.76 -19.45
N PHE C 96 13.80 10.98 -19.73
CA PHE C 96 13.06 12.04 -19.05
C PHE C 96 12.92 11.75 -17.57
N PHE C 97 12.53 10.52 -17.23
CA PHE C 97 12.39 10.15 -15.83
C PHE C 97 13.71 10.33 -15.08
N GLU C 98 14.80 9.84 -15.66
CA GLU C 98 16.09 9.98 -15.01
C GLU C 98 16.44 11.44 -14.79
N SER C 99 16.10 12.31 -15.75
CA SER C 99 16.40 13.73 -15.63
CA SER C 99 16.40 13.73 -15.63
C SER C 99 15.63 14.37 -14.48
N ARG C 100 14.35 14.04 -14.34
CA ARG C 100 13.55 14.61 -13.28
C ARG C 100 13.92 14.03 -11.93
N TRP C 101 14.26 12.74 -11.89
CA TRP C 101 14.63 12.08 -10.63
C TRP C 101 15.89 12.69 -10.03
N GLU C 102 16.91 12.92 -10.86
CA GLU C 102 18.15 13.52 -10.35
C GLU C 102 17.92 14.96 -9.88
N GLU C 103 16.97 15.66 -10.49
CA GLU C 103 16.62 17.01 -10.07
C GLU C 103 15.97 17.03 -8.70
N PHE C 104 15.39 15.91 -8.26
CA PHE C 104 14.68 15.85 -7.00
C PHE C 104 15.33 14.95 -5.95
N TYR C 105 15.99 13.87 -6.37
CA TYR C 105 16.53 12.90 -5.43
C TYR C 105 18.03 12.63 -5.63
C10 A1H99 D . 23.24 -0.55 13.65
C01 A1H99 D . 21.61 0.73 11.12
C02 A1H99 D . 20.46 0.01 11.86
C04 A1H99 D . 20.61 -0.56 13.27
C05 A1H99 D . 19.51 -0.96 14.06
C06 A1H99 D . 18.03 -0.90 13.73
C08 A1H99 D . 21.31 -1.31 15.26
C09 A1H99 D . 21.75 -0.79 14.04
C11 A1H99 D . 22.14 -1.75 16.48
C14 A1H99 D . 24.45 -1.85 17.64
C15 A1H99 D . 25.60 -2.64 16.99
C16 A1H99 D . 26.82 -1.77 16.63
C17 A1H99 D . 26.48 -0.30 16.35
C18 A1H99 D . 25.77 0.37 17.55
C19 A1H99 D . 24.86 -0.57 18.36
C21 A1H99 D . 23.48 0.88 19.83
C22 A1H99 D . 22.69 2.02 19.69
C23 A1H99 D . 21.91 2.73 20.80
N07 A1H99 D . 19.98 -1.37 15.24
N13 A1H99 D . 23.57 -1.44 16.53
N20 A1H99 D . 23.99 0.58 18.64
N25 A1H99 D . 22.74 2.39 18.41
N26 A1H99 D . 23.54 1.50 17.74
O03 A1H99 D . 19.43 -0.08 11.30
O12 A1H99 D . 21.60 -2.34 17.36
O24 A1H99 D . 21.12 1.76 21.45
C10 A1H99 E . -27.57 4.25 3.98
C10 A1H99 E . -27.48 4.14 4.10
C01 A1H99 E . -25.32 6.45 2.89
C01 A1H99 E . -25.36 6.41 2.87
C02 A1H99 E . -24.48 5.16 3.01
C02 A1H99 E . -24.47 5.16 3.02
C04 A1H99 E . -25.12 3.76 3.09
C04 A1H99 E . -25.06 3.74 3.09
C05 A1H99 E . -24.45 2.60 2.71
C05 A1H99 E . -24.35 2.60 2.68
C06 A1H99 E . -23.00 2.45 2.19
C06 A1H99 E . -22.93 2.51 2.11
C08 A1H99 E . -26.44 1.98 3.34
C08 A1H99 E . -26.31 1.91 3.38
C09 A1H99 E . -26.40 3.37 3.49
C09 A1H99 E . -26.30 3.30 3.53
C11 A1H99 E . -27.55 0.96 3.62
C11 A1H99 E . -27.42 0.91 3.70
C14 A1H99 E . -29.92 0.49 4.52
C14 A1H99 E . -29.47 0.22 4.99
C15 A1H99 E . -30.41 0.79 5.95
C15 A1H99 E . -29.86 0.29 6.47
C16 A1H99 E . -31.65 1.70 5.99
C16 A1H99 E . -31.02 -0.68 6.71
C17 A1H99 E . -31.59 2.78 4.90
C17 A1H99 E . -32.26 -0.32 5.88
C18 A1H99 E . -31.62 2.15 3.50
C18 A1H99 E . -32.01 0.05 4.40
C19 A1H99 E . -30.92 0.77 3.39
C19 A1H99 E . -30.61 0.63 4.05
C21 A1H99 E . -30.72 0.33 0.94
C21 A1H99 E . -31.58 2.82 4.84
C22 A1H99 E . -30.31 1.04 -0.19
C22 A1H99 E . -32.07 3.99 4.25
C23 A1H99 E . -30.28 0.47 -1.63
C23 A1H99 E . -32.62 5.23 4.99
N07 A1H99 E . -25.26 1.56 2.88
N07 A1H99 E . -25.14 1.53 2.86
N13 A1H99 E . -28.80 1.41 4.23
N13 A1H99 E . -28.42 1.22 4.73
N20 A1H99 E . -30.62 1.13 1.99
N20 A1H99 E . -31.21 1.98 3.86
N25 A1H99 E . -29.95 2.26 0.18
N25 A1H99 E . -31.97 3.84 2.92
N26 A1H99 E . -30.13 2.34 1.55
N26 A1H99 E . -31.42 2.61 2.67
O03 A1H99 E . -23.30 5.25 3.00
O03 A1H99 E . -23.29 5.30 3.06
O12 A1H99 E . -27.37 -0.18 3.35
O12 A1H99 E . -27.45 -0.12 3.11
O24 A1H99 E . -29.73 -0.83 -1.63
O24 A1H99 E . -31.59 6.17 5.11
C10 A1H99 F . 2.08 -2.39 -27.88
C01 A1H99 F . 4.34 -4.25 -26.42
C02 A1H99 F . 4.47 -2.97 -25.57
C04 A1H99 F . 3.43 -1.84 -25.66
C05 A1H99 F . 3.31 -0.83 -24.69
C06 A1H99 F . 4.16 -0.62 -23.43
C08 A1H99 F . 1.74 -0.45 -26.15
C09 A1H99 F . 2.41 -1.60 -26.59
C11 A1H99 F . 0.55 0.28 -26.74
C14 A1H99 F . -1.05 0.60 -28.71
C15 A1H99 F . -0.60 0.95 -30.12
C16 A1H99 F . -0.33 -0.28 -30.99
C17 A1H99 F . -1.41 -1.38 -30.85
C18 A1H99 F . -1.82 -1.72 -29.40
C19 A1H99 F . -2.18 -0.41 -28.67
C21 A1H99 F . -3.43 -0.41 -26.57
C22 A1H99 F . -3.49 -1.15 -25.40
C23 A1H99 F . -4.43 -0.86 -24.20
N07 A1H99 F . 2.30 -0.04 -25.03
N13 A1H99 F . 0.10 -0.06 -28.08
N20 A1H99 F . -2.54 -1.00 -27.37
N25 A1H99 F . -2.62 -2.15 -25.49
N26 A1H99 F . -2.01 -2.05 -26.71
O03 A1H99 F . 5.37 -2.89 -24.80
O12 A1H99 F . -0.02 1.07 -26.05
O24 A1H99 F . -4.08 0.40 -23.69
#